data_5NUV
#
_entry.id   5NUV
#
_cell.length_a   157.550
_cell.length_b   38.220
_cell.length_c   45.620
_cell.angle_alpha   90.000
_cell.angle_beta   105.740
_cell.angle_gamma   90.000
#
_symmetry.space_group_name_H-M   'C 1 2 1'
#
loop_
_entity.id
_entity.type
_entity.pdbx_description
1 polymer 'Autophagy-related protein 16-1'
2 non-polymer (R,R)-2,3-BUTANEDIOL
3 water water
#
_entity_poly.entity_id   1
_entity_poly.type   'polypeptide(L)'
_entity_poly.pdbx_seq_one_letter_code
;GGGRGSGKEVRVPATALCVFDAHDGEVNAVQFSPGSRLLATGGMDRRVKLWEVFGAACEFKGSLSGSNAGITSIEFDSAG
SYLLAASNDFASRIWTVDDYRLRHTLTGHSGKVLSAKFLLDNARIVSGSHDRTLKLWDLRSKVCIKTVFAGSSCNDIVCT
EQCVMSGHFDKKIRFWDIRSESIVREMELLGKITALDLNPERTELLSCSRDDLLKVIDLRTNAIKQTFSAPGFKCGSDWT
RVVFSPDGSYVAAGSAEGSLYIWSVLTGKVEKVLSKQHSSSINAVAWSPSGSHVVSVDKGCKAVLWAQP
;
_entity_poly.pdbx_strand_id   A
#
# COMPACT_ATOMS: atom_id res chain seq x y z
N GLU A 9 -12.63 4.59 -19.88
CA GLU A 9 -12.11 4.81 -18.53
C GLU A 9 -11.98 3.49 -17.79
N VAL A 10 -12.10 3.55 -16.47
CA VAL A 10 -12.16 2.38 -15.62
C VAL A 10 -13.58 2.27 -15.07
N ARG A 11 -14.03 1.04 -14.81
CA ARG A 11 -15.37 0.80 -14.32
C ARG A 11 -15.31 0.25 -12.90
N VAL A 12 -16.23 0.69 -12.06
CA VAL A 12 -16.24 0.24 -10.67
C VAL A 12 -16.65 -1.22 -10.62
N PRO A 13 -15.96 -2.07 -9.87
CA PRO A 13 -16.34 -3.47 -9.82
C PRO A 13 -17.68 -3.65 -9.15
N ALA A 14 -18.31 -4.77 -9.43
CA ALA A 14 -19.68 -5.00 -9.02
C ALA A 14 -19.87 -6.23 -8.16
N THR A 15 -19.08 -7.28 -8.37
CA THR A 15 -19.35 -8.55 -7.73
C THR A 15 -18.04 -9.28 -7.51
N ALA A 16 -18.05 -10.23 -6.58
CA ALA A 16 -16.85 -11.03 -6.33
C ALA A 16 -16.77 -12.14 -7.37
N LEU A 17 -15.65 -12.18 -8.09
CA LEU A 17 -15.40 -13.22 -9.07
C LEU A 17 -14.53 -14.35 -8.55
N CYS A 18 -13.71 -14.09 -7.54
CA CYS A 18 -12.82 -15.09 -7.00
CA CYS A 18 -12.77 -15.08 -7.00
C CYS A 18 -12.60 -14.80 -5.53
N VAL A 19 -12.71 -15.84 -4.72
CA VAL A 19 -12.50 -15.76 -3.28
C VAL A 19 -11.59 -16.90 -2.89
N PHE A 20 -10.52 -16.62 -2.16
CA PHE A 20 -9.62 -17.70 -1.80
C PHE A 20 -8.83 -17.36 -0.55
N ASP A 21 -8.39 -18.42 0.12
CA ASP A 21 -7.52 -18.34 1.28
C ASP A 21 -6.09 -18.10 0.79
N ALA A 22 -5.57 -16.91 1.05
CA ALA A 22 -4.25 -16.55 0.52
C ALA A 22 -3.12 -16.82 1.51
N HIS A 23 -3.36 -16.65 2.81
CA HIS A 23 -2.31 -16.82 3.79
C HIS A 23 -2.84 -17.61 4.96
N ASP A 24 -1.91 -18.07 5.79
CA ASP A 24 -2.28 -18.86 6.96
C ASP A 24 -3.07 -18.01 7.94
N GLY A 25 -2.70 -16.75 8.10
CA GLY A 25 -3.44 -15.85 8.95
C GLY A 25 -3.71 -14.53 8.29
N GLU A 26 -3.46 -13.46 9.03
CA GLU A 26 -3.74 -12.10 8.58
C GLU A 26 -2.99 -11.77 7.29
N VAL A 27 -3.69 -11.14 6.34
CA VAL A 27 -3.08 -10.63 5.12
C VAL A 27 -2.97 -9.13 5.28
N ASN A 28 -1.76 -8.62 5.16
CA ASN A 28 -1.47 -7.21 5.43
C ASN A 28 -1.29 -6.37 4.19
N ALA A 29 -0.92 -7.00 3.07
CA ALA A 29 -0.48 -6.25 1.91
C ALA A 29 -0.90 -6.95 0.64
N VAL A 30 -1.19 -6.17 -0.38
CA VAL A 30 -1.62 -6.71 -1.66
C VAL A 30 -1.28 -5.68 -2.75
N GLN A 31 -0.83 -6.20 -3.88
CA GLN A 31 -0.48 -5.35 -5.01
C GLN A 31 -0.57 -6.14 -6.31
N PHE A 32 -1.05 -5.51 -7.37
CA PHE A 32 -0.91 -6.07 -8.70
C PHE A 32 0.40 -5.64 -9.36
N SER A 33 0.92 -6.52 -10.21
CA SER A 33 2.06 -6.16 -11.03
C SER A 33 1.68 -5.10 -12.06
N PRO A 34 2.67 -4.37 -12.59
CA PRO A 34 2.34 -3.27 -13.51
C PRO A 34 1.58 -3.70 -14.74
N GLY A 35 1.74 -4.94 -15.17
CA GLY A 35 1.04 -5.46 -16.33
C GLY A 35 -0.23 -6.19 -16.00
N SER A 36 -0.66 -6.16 -14.73
CA SER A 36 -1.89 -6.78 -14.22
C SER A 36 -1.90 -8.29 -14.29
N ARG A 37 -0.78 -8.91 -14.68
CA ARG A 37 -0.74 -10.36 -14.84
C ARG A 37 -0.49 -11.09 -13.53
N LEU A 38 0.12 -10.44 -12.56
CA LEU A 38 0.45 -11.05 -11.28
C LEU A 38 -0.19 -10.28 -10.14
N LEU A 39 -0.60 -11.04 -9.13
CA LEU A 39 -1.09 -10.51 -7.87
C LEU A 39 -0.10 -10.95 -6.80
N ALA A 40 0.29 -10.03 -5.94
CA ALA A 40 1.14 -10.37 -4.82
C ALA A 40 0.38 -10.07 -3.53
N THR A 41 0.45 -11.00 -2.58
CA THR A 41 -0.12 -10.83 -1.26
C THR A 41 0.95 -11.04 -0.21
N GLY A 42 0.80 -10.40 0.94
CA GLY A 42 1.81 -10.48 1.99
C GLY A 42 1.13 -10.67 3.31
N GLY A 43 1.58 -11.64 4.11
CA GLY A 43 0.86 -12.01 5.31
C GLY A 43 1.73 -12.02 6.56
N MET A 44 1.04 -12.15 7.68
CA MET A 44 1.69 -12.43 8.96
C MET A 44 2.36 -13.79 8.99
N ASP A 45 2.08 -14.66 8.02
CA ASP A 45 2.78 -15.93 7.90
C ASP A 45 4.13 -15.79 7.23
N ARG A 46 4.61 -14.58 7.05
CA ARG A 46 5.97 -14.22 6.66
C ARG A 46 6.24 -14.41 5.17
N ARG A 47 5.26 -14.79 4.37
CA ARG A 47 5.46 -15.01 2.94
C ARG A 47 4.86 -13.89 2.11
N VAL A 48 5.52 -13.57 1.01
CA VAL A 48 4.87 -12.92 -0.12
C VAL A 48 4.49 -14.03 -1.07
N LYS A 49 3.23 -14.09 -1.45
CA LYS A 49 2.76 -15.08 -2.38
C LYS A 49 2.39 -14.41 -3.69
N LEU A 50 2.76 -15.06 -4.78
CA LEU A 50 2.45 -14.60 -6.12
C LEU A 50 1.37 -15.50 -6.70
N TRP A 51 0.45 -14.88 -7.41
CA TRP A 51 -0.73 -15.52 -7.97
C TRP A 51 -0.85 -15.03 -9.40
N GLU A 52 -1.17 -15.93 -10.31
CA GLU A 52 -1.43 -15.49 -11.66
C GLU A 52 -2.87 -15.03 -11.75
N VAL A 53 -3.05 -13.83 -12.28
CA VAL A 53 -4.36 -13.20 -12.46
C VAL A 53 -4.85 -13.51 -13.85
N PHE A 54 -5.99 -14.17 -13.94
CA PHE A 54 -6.68 -14.30 -15.20
C PHE A 54 -7.87 -13.37 -15.22
N GLY A 55 -8.50 -13.30 -16.39
CA GLY A 55 -9.66 -12.44 -16.53
C GLY A 55 -10.66 -12.65 -15.41
N ALA A 56 -10.87 -13.90 -14.99
CA ALA A 56 -11.83 -14.21 -13.94
C ALA A 56 -11.36 -15.32 -13.00
N ALA A 57 -10.10 -15.72 -13.07
CA ALA A 57 -9.55 -16.77 -12.21
C ALA A 57 -8.24 -16.27 -11.62
N CYS A 58 -7.74 -17.02 -10.62
CA CYS A 58 -6.53 -16.65 -9.92
C CYS A 58 -5.93 -17.92 -9.31
N GLU A 59 -4.67 -18.24 -9.65
CA GLU A 59 -4.07 -19.47 -9.14
C GLU A 59 -2.66 -19.24 -8.61
N PHE A 60 -2.31 -20.01 -7.60
CA PHE A 60 -1.05 -19.87 -6.89
C PHE A 60 0.13 -20.16 -7.80
N LYS A 61 1.12 -19.27 -7.78
CA LYS A 61 2.36 -19.47 -8.52
C LYS A 61 3.53 -19.88 -7.63
N GLY A 62 3.81 -19.12 -6.57
CA GLY A 62 4.89 -19.49 -5.68
C GLY A 62 5.07 -18.43 -4.63
N SER A 63 6.02 -18.68 -3.75
CA SER A 63 6.27 -17.83 -2.63
C SER A 63 7.64 -17.18 -2.72
N LEU A 64 7.73 -15.98 -2.14
CA LEU A 64 8.97 -15.25 -1.93
C LEU A 64 9.28 -15.32 -0.44
N SER A 65 10.32 -16.07 -0.11
CA SER A 65 10.63 -16.39 1.28
C SER A 65 11.86 -15.62 1.73
N GLY A 66 12.06 -15.61 3.05
CA GLY A 66 13.21 -14.96 3.65
C GLY A 66 12.84 -14.11 4.85
N SER A 67 11.61 -13.60 4.88
CA SER A 67 11.23 -12.77 6.00
C SER A 67 10.98 -13.59 7.26
N ASN A 68 11.37 -13.02 8.39
CA ASN A 68 11.23 -13.71 9.66
C ASN A 68 10.05 -13.21 10.48
N ALA A 69 9.26 -12.30 9.92
CA ALA A 69 8.04 -11.83 10.58
C ALA A 69 7.10 -11.39 9.48
N GLY A 70 5.98 -10.79 9.86
CA GLY A 70 4.95 -10.48 8.89
C GLY A 70 5.41 -9.47 7.85
N ILE A 71 4.82 -9.60 6.67
CA ILE A 71 4.99 -8.65 5.59
C ILE A 71 4.06 -7.47 5.80
N THR A 72 4.59 -6.27 5.66
CA THR A 72 3.79 -5.07 5.92
C THR A 72 3.48 -4.25 4.67
N SER A 73 4.25 -4.36 3.61
CA SER A 73 4.02 -3.61 2.38
C SER A 73 4.63 -4.39 1.23
N ILE A 74 4.08 -4.18 0.04
CA ILE A 74 4.53 -4.79 -1.20
C ILE A 74 4.56 -3.74 -2.29
N GLU A 75 5.65 -3.70 -3.07
CA GLU A 75 5.65 -2.86 -4.26
C GLU A 75 6.45 -3.54 -5.34
N PHE A 76 5.90 -3.56 -6.55
CA PHE A 76 6.69 -3.95 -7.71
C PHE A 76 7.51 -2.76 -8.19
N ASP A 77 8.68 -3.01 -8.77
CA ASP A 77 9.33 -1.91 -9.46
C ASP A 77 8.60 -1.64 -10.77
N SER A 78 8.99 -0.57 -11.45
CA SER A 78 8.23 -0.11 -12.62
C SER A 78 8.28 -1.13 -13.74
N ALA A 79 9.34 -1.90 -13.84
CA ALA A 79 9.45 -2.93 -14.86
C ALA A 79 8.66 -4.19 -14.51
N GLY A 80 8.18 -4.32 -13.28
CA GLY A 80 7.56 -5.55 -12.86
C GLY A 80 8.52 -6.70 -12.68
N SER A 81 9.83 -6.40 -12.64
CA SER A 81 10.86 -7.41 -12.53
C SER A 81 11.21 -7.76 -11.10
N TYR A 82 11.06 -6.80 -10.20
CA TYR A 82 11.47 -6.89 -8.81
C TYR A 82 10.28 -6.60 -7.92
N LEU A 83 10.27 -7.24 -6.76
CA LEU A 83 9.27 -6.98 -5.74
C LEU A 83 9.97 -6.65 -4.43
N LEU A 84 9.50 -5.61 -3.77
CA LEU A 84 10.07 -5.04 -2.56
C LEU A 84 9.03 -5.20 -1.46
N ALA A 85 9.41 -5.81 -0.36
CA ALA A 85 8.51 -6.00 0.77
C ALA A 85 9.19 -5.64 2.07
N ALA A 86 8.54 -4.78 2.85
CA ALA A 86 8.93 -4.50 4.21
C ALA A 86 8.40 -5.58 5.15
N SER A 87 9.07 -5.73 6.30
CA SER A 87 8.69 -6.74 7.28
C SER A 87 8.75 -6.23 8.71
N ASN A 88 7.88 -6.81 9.55
CA ASN A 88 7.94 -6.65 10.99
C ASN A 88 9.23 -7.16 11.62
N ASP A 89 10.10 -7.85 10.87
CA ASP A 89 11.36 -8.33 11.41
C ASP A 89 12.48 -7.30 11.31
N PHE A 90 12.16 -6.06 10.92
CA PHE A 90 13.03 -4.88 10.91
C PHE A 90 13.78 -4.74 9.59
N ALA A 91 13.57 -5.66 8.64
CA ALA A 91 14.22 -5.62 7.34
C ALA A 91 13.18 -5.45 6.24
N SER A 92 13.68 -4.94 5.11
CA SER A 92 13.02 -5.00 3.82
C SER A 92 13.80 -5.94 2.90
N ARG A 93 13.08 -6.56 1.98
CA ARG A 93 13.66 -7.55 1.09
C ARG A 93 13.24 -7.29 -0.35
N ILE A 94 14.10 -7.68 -1.27
CA ILE A 94 13.81 -7.57 -2.69
C ILE A 94 14.07 -8.92 -3.32
N TRP A 95 13.11 -9.38 -4.10
CA TRP A 95 13.21 -10.60 -4.89
C TRP A 95 13.05 -10.29 -6.36
N THR A 96 13.66 -11.11 -7.22
CA THR A 96 13.25 -11.12 -8.62
C THR A 96 11.99 -11.97 -8.74
N VAL A 97 10.98 -11.41 -9.40
CA VAL A 97 9.66 -12.03 -9.47
C VAL A 97 9.68 -13.34 -10.26
N ASP A 98 10.39 -13.37 -11.39
CA ASP A 98 10.23 -14.48 -12.33
C ASP A 98 10.89 -15.77 -11.83
N ASP A 99 11.89 -15.68 -10.94
CA ASP A 99 12.59 -16.86 -10.44
C ASP A 99 12.49 -17.00 -8.93
N TYR A 100 11.70 -16.15 -8.27
CA TYR A 100 11.43 -16.23 -6.84
C TYR A 100 12.68 -16.06 -5.97
N ARG A 101 13.74 -15.49 -6.51
CA ARG A 101 15.01 -15.51 -5.82
C ARG A 101 15.16 -14.25 -4.98
N LEU A 102 15.55 -14.41 -3.72
CA LEU A 102 15.90 -13.29 -2.88
C LEU A 102 17.18 -12.64 -3.39
N ARG A 103 17.11 -11.34 -3.66
CA ARG A 103 18.25 -10.59 -4.17
C ARG A 103 18.87 -9.66 -3.13
N HIS A 104 18.08 -9.09 -2.21
CA HIS A 104 18.60 -8.18 -1.21
C HIS A 104 17.84 -8.34 0.11
N THR A 105 18.57 -8.33 1.22
CA THR A 105 17.98 -8.10 2.53
C THR A 105 18.51 -6.78 3.08
N LEU A 106 17.61 -5.84 3.37
CA LEU A 106 17.98 -4.51 3.85
C LEU A 106 17.82 -4.48 5.37
N THR A 107 18.92 -4.62 6.10
CA THR A 107 18.87 -4.60 7.55
C THR A 107 19.44 -3.27 8.05
N GLY A 108 18.88 -2.80 9.15
CA GLY A 108 19.34 -1.55 9.72
C GLY A 108 18.35 -0.92 10.67
N HIS A 109 17.08 -0.99 10.30
CA HIS A 109 16.05 -0.45 11.19
C HIS A 109 16.04 -1.22 12.49
N SER A 110 15.73 -0.49 13.57
CA SER A 110 15.67 -1.08 14.90
C SER A 110 14.24 -1.31 15.35
N GLY A 111 13.28 -1.24 14.42
CA GLY A 111 11.92 -1.61 14.73
C GLY A 111 11.24 -2.04 13.44
N LYS A 112 9.98 -2.46 13.58
CA LYS A 112 9.21 -2.92 12.44
C LYS A 112 9.31 -1.93 11.29
N VAL A 113 9.50 -2.46 10.08
CA VAL A 113 9.42 -1.65 8.86
C VAL A 113 7.99 -1.74 8.36
N LEU A 114 7.32 -0.59 8.31
CA LEU A 114 5.91 -0.55 7.93
C LEU A 114 5.69 -0.20 6.46
N SER A 115 6.72 0.29 5.75
CA SER A 115 6.59 0.60 4.35
C SER A 115 7.97 0.73 3.73
N ALA A 116 8.08 0.30 2.47
CA ALA A 116 9.29 0.51 1.68
C ALA A 116 8.85 0.76 0.23
N LYS A 117 9.49 1.72 -0.43
CA LYS A 117 9.15 2.11 -1.78
C LYS A 117 10.39 2.36 -2.64
N PHE A 118 10.29 2.02 -3.91
CA PHE A 118 11.30 2.41 -4.90
C PHE A 118 11.21 3.91 -5.18
N LEU A 119 12.35 4.59 -5.16
CA LEU A 119 12.34 5.94 -5.70
C LEU A 119 12.24 5.89 -7.22
N LEU A 120 11.93 7.04 -7.82
CA LEU A 120 11.63 7.04 -9.24
C LEU A 120 12.89 6.92 -10.08
N ASP A 121 14.03 7.39 -9.58
CA ASP A 121 15.28 6.91 -10.12
C ASP A 121 15.37 5.41 -9.83
N ASN A 122 15.62 4.62 -10.87
CA ASN A 122 15.80 3.18 -10.69
C ASN A 122 17.17 2.96 -10.06
N ALA A 123 17.22 3.09 -8.74
CA ALA A 123 18.49 2.92 -8.03
C ALA A 123 18.30 2.75 -6.52
N ARG A 124 17.28 3.38 -5.96
CA ARG A 124 17.24 3.61 -4.52
C ARG A 124 15.90 3.20 -3.94
N ILE A 125 15.92 2.91 -2.64
CA ILE A 125 14.74 2.53 -1.86
C ILE A 125 14.63 3.48 -0.68
N VAL A 126 13.39 3.82 -0.28
CA VAL A 126 13.14 4.46 1.01
CA VAL A 126 13.14 4.46 1.01
C VAL A 126 12.29 3.52 1.85
N SER A 127 12.62 3.41 3.13
CA SER A 127 11.79 2.64 4.04
C SER A 127 11.50 3.47 5.28
N GLY A 128 10.34 3.19 5.86
CA GLY A 128 9.90 3.87 7.07
C GLY A 128 9.54 2.85 8.15
N SER A 129 9.83 3.21 9.39
CA SER A 129 9.84 2.24 10.46
C SER A 129 9.20 2.77 11.74
N HIS A 130 8.75 1.83 12.57
CA HIS A 130 8.33 2.12 13.93
C HIS A 130 9.47 2.67 14.77
N ASP A 131 10.72 2.58 14.29
CA ASP A 131 11.86 3.19 14.98
C ASP A 131 11.93 4.71 14.76
N ARG A 132 10.90 5.27 14.12
CA ARG A 132 10.74 6.71 13.93
C ARG A 132 11.81 7.30 13.02
N THR A 133 12.35 6.48 12.12
CA THR A 133 13.26 6.97 11.09
C THR A 133 12.79 6.53 9.71
N LEU A 134 13.26 7.28 8.71
CA LEU A 134 13.29 6.82 7.32
C LEU A 134 14.72 6.48 6.96
N LYS A 135 14.88 5.43 6.18
CA LYS A 135 16.21 5.08 5.67
C LYS A 135 16.17 5.06 4.16
N LEU A 136 17.24 5.58 3.55
CA LEU A 136 17.40 5.63 2.12
C LEU A 136 18.53 4.67 1.78
N TRP A 137 18.28 3.77 0.83
CA TRP A 137 19.19 2.68 0.50
C TRP A 137 19.62 2.77 -0.96
N ASP A 138 20.89 2.46 -1.19
CA ASP A 138 21.45 2.28 -2.53
C ASP A 138 21.55 0.78 -2.82
N LEU A 139 20.81 0.30 -3.82
CA LEU A 139 20.78 -1.14 -4.05
C LEU A 139 22.01 -1.65 -4.75
N ARG A 140 22.62 -0.82 -5.58
CA ARG A 140 23.84 -1.25 -6.24
C ARG A 140 24.96 -1.47 -5.25
N SER A 141 25.12 -0.56 -4.28
CA SER A 141 26.25 -0.69 -3.36
C SER A 141 25.94 -1.54 -2.15
N LYS A 142 24.66 -1.85 -1.93
CA LYS A 142 24.23 -2.72 -0.83
C LYS A 142 24.48 -2.02 0.51
N VAL A 143 24.01 -0.77 0.62
CA VAL A 143 24.25 0.00 1.83
C VAL A 143 23.06 0.88 2.13
N CYS A 144 22.88 1.17 3.41
CA CYS A 144 22.05 2.29 3.83
C CYS A 144 22.79 3.59 3.56
N ILE A 145 22.22 4.41 2.67
CA ILE A 145 22.76 5.73 2.39
C ILE A 145 22.65 6.62 3.61
N LYS A 146 21.44 6.78 4.12
CA LYS A 146 21.11 7.85 5.03
C LYS A 146 19.99 7.39 5.95
N THR A 147 20.08 7.79 7.21
CA THR A 147 19.00 7.61 8.17
C THR A 147 18.58 8.97 8.67
N VAL A 148 17.26 9.22 8.69
CA VAL A 148 16.73 10.51 9.10
C VAL A 148 15.71 10.32 10.22
N PHE A 149 15.83 11.12 11.26
CA PHE A 149 14.82 11.12 12.31
C PHE A 149 13.53 11.74 11.78
N ALA A 150 12.44 10.99 11.83
CA ALA A 150 11.21 11.41 11.19
C ALA A 150 10.15 11.82 12.20
N GLY A 151 10.51 11.97 13.46
CA GLY A 151 9.66 12.63 14.43
C GLY A 151 8.70 11.71 15.14
N SER A 152 8.33 10.60 14.51
CA SER A 152 7.21 9.77 14.91
C SER A 152 7.24 8.48 14.10
N SER A 153 6.74 7.40 14.70
CA SER A 153 6.66 6.12 14.01
C SER A 153 6.00 6.28 12.64
N CYS A 154 6.58 5.66 11.62
CA CYS A 154 6.14 5.84 10.24
C CYS A 154 5.32 4.65 9.79
N ASN A 155 4.13 4.90 9.30
CA ASN A 155 3.20 3.86 8.89
C ASN A 155 3.09 3.66 7.39
N ASP A 156 3.43 4.66 6.58
CA ASP A 156 3.44 4.51 5.13
C ASP A 156 4.30 5.61 4.54
N ILE A 157 4.79 5.34 3.32
CA ILE A 157 5.61 6.25 2.55
C ILE A 157 5.17 6.16 1.09
N VAL A 158 5.19 7.30 0.40
CA VAL A 158 5.08 7.35 -1.05
C VAL A 158 6.11 8.31 -1.61
N CYS A 159 6.43 8.13 -2.89
CA CYS A 159 7.52 8.81 -3.59
C CYS A 159 7.04 9.43 -4.90
N THR A 160 7.40 10.68 -5.13
CA THR A 160 7.40 11.27 -6.46
C THR A 160 8.85 11.49 -6.86
N GLU A 161 9.07 12.07 -8.04
CA GLU A 161 10.45 12.34 -8.42
C GLU A 161 11.05 13.49 -7.63
N GLN A 162 10.22 14.31 -6.99
CA GLN A 162 10.68 15.44 -6.22
C GLN A 162 10.64 15.24 -4.72
N CYS A 163 9.70 14.45 -4.22
CA CYS A 163 9.34 14.45 -2.82
CA CYS A 163 9.41 14.44 -2.80
C CYS A 163 9.08 13.04 -2.32
N VAL A 164 9.46 12.77 -1.06
CA VAL A 164 9.02 11.59 -0.33
C VAL A 164 8.03 12.08 0.71
N MET A 165 6.87 11.44 0.78
CA MET A 165 5.87 11.81 1.77
C MET A 165 5.68 10.63 2.70
N SER A 166 5.75 10.89 4.00
CA SER A 166 5.62 9.85 5.00
C SER A 166 4.49 10.18 5.95
N GLY A 167 3.77 9.17 6.39
CA GLY A 167 2.65 9.32 7.29
C GLY A 167 2.94 8.64 8.62
N HIS A 168 2.44 9.21 9.70
CA HIS A 168 2.96 8.86 11.03
C HIS A 168 1.89 8.69 12.11
N PHE A 169 2.32 8.05 13.19
CA PHE A 169 1.54 7.91 14.41
C PHE A 169 1.05 9.24 14.94
N ASP A 170 1.85 10.28 14.82
CA ASP A 170 1.49 11.57 15.39
C ASP A 170 0.57 12.38 14.50
N LYS A 171 -0.05 11.70 13.53
CA LYS A 171 -1.12 12.23 12.69
C LYS A 171 -0.59 13.17 11.60
N LYS A 172 0.70 13.26 11.43
CA LYS A 172 1.30 14.15 10.44
C LYS A 172 1.73 13.41 9.18
N ILE A 173 1.59 14.11 8.06
CA ILE A 173 2.25 13.76 6.82
C ILE A 173 3.43 14.69 6.67
N ARG A 174 4.61 14.11 6.51
CA ARG A 174 5.83 14.89 6.38
C ARG A 174 6.30 14.82 4.93
N PHE A 175 6.76 15.95 4.43
CA PHE A 175 7.14 16.11 3.03
C PHE A 175 8.63 16.34 2.96
N TRP A 176 9.35 15.42 2.33
CA TRP A 176 10.81 15.43 2.30
C TRP A 176 11.29 15.74 0.89
N ASP A 177 12.03 16.84 0.74
CA ASP A 177 12.58 17.18 -0.57
C ASP A 177 13.73 16.25 -0.91
N ILE A 178 13.62 15.55 -2.03
CA ILE A 178 14.62 14.54 -2.37
C ILE A 178 15.97 15.20 -2.64
N ARG A 179 15.95 16.36 -3.30
CA ARG A 179 17.21 16.99 -3.72
C ARG A 179 17.99 17.51 -2.52
N SER A 180 17.32 18.16 -1.57
CA SER A 180 17.99 18.69 -0.39
C SER A 180 17.95 17.73 0.79
N GLU A 181 17.36 16.56 0.64
CA GLU A 181 17.39 15.52 1.68
C GLU A 181 17.00 16.11 3.03
N SER A 182 15.90 16.87 3.02
CA SER A 182 15.46 17.55 4.24
C SER A 182 13.95 17.70 4.21
N ILE A 183 13.39 18.01 5.36
CA ILE A 183 11.95 18.16 5.50
C ILE A 183 11.55 19.59 5.12
N VAL A 184 10.54 19.71 4.28
CA VAL A 184 10.11 21.01 3.79
C VAL A 184 8.67 21.34 4.17
N ARG A 185 7.91 20.39 4.68
CA ARG A 185 6.54 20.69 5.04
C ARG A 185 6.00 19.57 5.89
N GLU A 186 5.09 19.91 6.78
CA GLU A 186 4.31 18.90 7.45
C GLU A 186 2.86 19.35 7.47
N MET A 187 1.96 18.39 7.32
CA MET A 187 0.54 18.62 7.47
C MET A 187 0.03 17.71 8.57
N GLU A 188 -0.78 18.24 9.47
CA GLU A 188 -1.31 17.45 10.56
C GLU A 188 -2.77 17.13 10.30
N LEU A 189 -3.11 15.86 10.37
CA LEU A 189 -4.46 15.36 10.17
C LEU A 189 -5.04 15.07 11.55
N LEU A 190 -6.21 14.41 11.59
CA LEU A 190 -6.97 14.29 12.82
CA LEU A 190 -6.97 14.29 12.82
C LEU A 190 -6.99 12.87 13.38
N GLY A 191 -6.20 11.96 12.80
CA GLY A 191 -6.05 10.62 13.31
C GLY A 191 -4.70 10.12 12.85
N LYS A 192 -4.23 9.05 13.49
CA LYS A 192 -3.02 8.36 13.03
C LYS A 192 -3.12 8.09 11.53
N ILE A 193 -2.03 8.34 10.80
CA ILE A 193 -2.03 8.04 9.37
C ILE A 193 -1.84 6.55 9.19
N THR A 194 -2.76 5.88 8.47
CA THR A 194 -2.63 4.44 8.21
C THR A 194 -2.07 4.12 6.84
N ALA A 195 -2.17 5.03 5.88
CA ALA A 195 -1.82 4.72 4.51
C ALA A 195 -1.74 6.00 3.70
N LEU A 196 -0.95 5.93 2.65
CA LEU A 196 -0.86 6.96 1.64
C LEU A 196 -0.88 6.32 0.26
N ASP A 197 -1.38 7.06 -0.73
CA ASP A 197 -1.29 6.61 -2.11
C ASP A 197 -1.23 7.83 -3.00
N LEU A 198 -0.50 7.74 -4.09
CA LEU A 198 -0.49 8.79 -5.08
C LEU A 198 -1.39 8.40 -6.23
N ASN A 199 -2.01 9.39 -6.85
CA ASN A 199 -2.73 9.12 -8.07
C ASN A 199 -1.73 8.85 -9.20
N PRO A 200 -2.19 8.31 -10.33
CA PRO A 200 -1.25 7.94 -11.39
C PRO A 200 -0.37 9.08 -11.86
N GLU A 201 -0.93 10.29 -11.95
CA GLU A 201 -0.22 11.50 -12.34
C GLU A 201 0.71 12.03 -11.25
N ARG A 202 0.61 11.49 -10.03
CA ARG A 202 1.41 11.94 -8.89
C ARG A 202 1.22 13.43 -8.58
N THR A 203 -0.02 13.91 -8.80
CA THR A 203 -0.40 15.29 -8.47
C THR A 203 -1.23 15.38 -7.22
N GLU A 204 -1.77 14.26 -6.74
CA GLU A 204 -2.67 14.22 -5.61
C GLU A 204 -2.25 13.08 -4.70
N LEU A 205 -2.34 13.34 -3.41
CA LEU A 205 -1.98 12.41 -2.36
C LEU A 205 -3.24 11.97 -1.62
N LEU A 206 -3.47 10.67 -1.57
CA LEU A 206 -4.58 10.11 -0.81
C LEU A 206 -4.07 9.64 0.54
N SER A 207 -4.77 10.02 1.61
CA SER A 207 -4.43 9.57 2.96
C SER A 207 -5.61 8.86 3.54
N CYS A 208 -5.34 7.95 4.44
CA CYS A 208 -6.33 7.33 5.31
C CYS A 208 -5.84 7.52 6.74
N SER A 209 -6.74 7.88 7.65
CA SER A 209 -6.33 8.08 9.03
C SER A 209 -7.39 7.49 9.95
N ARG A 210 -7.01 7.29 11.22
CA ARG A 210 -7.84 6.56 12.20
C ARG A 210 -9.00 7.38 12.76
N ASP A 211 -9.23 8.59 12.25
CA ASP A 211 -10.53 9.24 12.38
C ASP A 211 -11.53 8.72 11.34
N ASP A 212 -11.16 7.69 10.57
CA ASP A 212 -12.03 7.01 9.62
C ASP A 212 -12.39 7.90 8.44
N LEU A 213 -11.43 8.69 8.01
CA LEU A 213 -11.57 9.66 6.94
C LEU A 213 -10.49 9.38 5.91
N LEU A 214 -10.84 9.45 4.65
CA LEU A 214 -9.87 9.53 3.57
C LEU A 214 -9.79 10.98 3.11
N LYS A 215 -8.61 11.45 2.77
CA LYS A 215 -8.46 12.80 2.28
C LYS A 215 -7.63 12.78 1.02
N VAL A 216 -7.95 13.68 0.10
CA VAL A 216 -7.16 13.90 -1.11
C VAL A 216 -6.55 15.27 -0.99
N ILE A 217 -5.22 15.32 -1.09
CA ILE A 217 -4.41 16.52 -0.91
C ILE A 217 -3.86 16.90 -2.27
N ASP A 218 -4.10 18.14 -2.69
CA ASP A 218 -3.53 18.68 -3.92
C ASP A 218 -2.07 18.98 -3.65
N LEU A 219 -1.15 18.26 -4.32
CA LEU A 219 0.26 18.47 -4.03
C LEU A 219 0.78 19.80 -4.55
N ARG A 220 0.04 20.47 -5.44
CA ARG A 220 0.47 21.81 -5.87
C ARG A 220 0.30 22.82 -4.76
N THR A 221 -0.83 22.75 -4.05
CA THR A 221 -1.17 23.75 -3.05
C THR A 221 -1.05 23.24 -1.63
N ASN A 222 -0.79 21.94 -1.46
CA ASN A 222 -0.74 21.29 -0.15
C ASN A 222 -2.02 21.57 0.64
N ALA A 223 -3.14 21.52 -0.07
CA ALA A 223 -4.47 21.77 0.46
C ALA A 223 -5.36 20.55 0.24
N ILE A 224 -6.38 20.43 1.07
CA ILE A 224 -7.34 19.34 1.00
C ILE A 224 -8.33 19.61 -0.11
N LYS A 225 -8.37 18.74 -1.13
CA LYS A 225 -9.31 18.91 -2.23
C LYS A 225 -10.65 18.29 -1.90
N GLN A 226 -10.63 17.16 -1.21
CA GLN A 226 -11.77 16.28 -1.11
C GLN A 226 -11.55 15.42 0.12
N THR A 227 -12.65 15.02 0.73
CA THR A 227 -12.64 14.01 1.77
C THR A 227 -13.60 12.90 1.36
N PHE A 228 -13.37 11.72 1.94
CA PHE A 228 -14.24 10.59 1.75
C PHE A 228 -14.53 9.95 3.09
N SER A 229 -15.77 9.62 3.30
CA SER A 229 -16.27 9.06 4.53
C SER A 229 -17.54 8.28 4.21
N ALA A 230 -18.01 7.54 5.19
CA ALA A 230 -19.29 6.87 5.09
C ALA A 230 -19.72 6.37 6.45
N PRO A 231 -21.02 6.25 6.72
CA PRO A 231 -21.45 5.76 8.04
C PRO A 231 -20.85 4.42 8.45
N GLY A 232 -20.72 3.48 7.52
CA GLY A 232 -20.15 2.18 7.82
C GLY A 232 -18.67 2.05 7.59
N PHE A 233 -17.98 3.11 7.16
CA PHE A 233 -16.58 2.98 6.90
C PHE A 233 -15.79 3.30 8.15
N LYS A 234 -15.06 2.32 8.66
CA LYS A 234 -14.18 2.49 9.80
C LYS A 234 -12.91 1.71 9.51
N CYS A 235 -11.76 2.27 9.88
CA CYS A 235 -10.51 1.54 9.77
C CYS A 235 -10.49 0.38 10.76
N GLY A 236 -10.00 -0.76 10.30
CA GLY A 236 -9.84 -1.88 11.20
C GLY A 236 -8.43 -2.04 11.70
N SER A 237 -7.51 -1.25 11.18
CA SER A 237 -6.09 -1.45 11.45
C SER A 237 -5.39 -0.11 11.45
N ASP A 238 -4.31 -0.01 12.22
CA ASP A 238 -3.40 1.13 12.09
C ASP A 238 -2.71 1.16 10.74
N TRP A 239 -2.89 0.13 9.90
CA TRP A 239 -2.26 0.06 8.58
C TRP A 239 -3.27 -0.33 7.52
N THR A 240 -4.54 0.06 7.73
CA THR A 240 -5.58 0.00 6.71
C THR A 240 -5.08 0.72 5.47
N ARG A 241 -4.98 0.01 4.35
CA ARG A 241 -4.46 0.61 3.13
C ARG A 241 -5.58 0.99 2.18
N VAL A 242 -5.35 2.08 1.44
CA VAL A 242 -6.32 2.62 0.52
C VAL A 242 -5.62 3.02 -0.77
N VAL A 243 -6.36 3.01 -1.87
CA VAL A 243 -5.75 3.27 -3.17
C VAL A 243 -6.66 4.07 -4.10
N PHE A 244 -6.03 4.78 -5.03
CA PHE A 244 -6.68 5.29 -6.21
C PHE A 244 -6.87 4.18 -7.23
N SER A 245 -7.93 4.31 -8.02
CA SER A 245 -8.05 3.55 -9.25
C SER A 245 -7.01 4.02 -10.27
N PRO A 246 -6.74 3.22 -11.30
CA PRO A 246 -5.61 3.56 -12.18
C PRO A 246 -5.86 4.74 -13.09
N ASP A 247 -7.09 5.26 -13.13
CA ASP A 247 -7.36 6.50 -13.83
C ASP A 247 -7.52 7.68 -12.88
N GLY A 248 -7.34 7.46 -11.59
CA GLY A 248 -7.50 8.52 -10.60
C GLY A 248 -8.93 8.92 -10.34
N SER A 249 -9.88 8.19 -10.88
CA SER A 249 -11.28 8.58 -10.81
C SER A 249 -11.98 8.06 -9.57
N TYR A 250 -11.45 7.02 -8.94
CA TYR A 250 -12.09 6.40 -7.79
C TYR A 250 -11.05 6.17 -6.71
N VAL A 251 -11.53 6.04 -5.48
CA VAL A 251 -10.71 5.62 -4.34
C VAL A 251 -11.40 4.46 -3.65
N ALA A 252 -10.59 3.55 -3.12
CA ALA A 252 -11.06 2.31 -2.55
C ALA A 252 -10.44 2.14 -1.19
N ALA A 253 -11.24 1.61 -0.25
CA ALA A 253 -10.81 1.34 1.11
C ALA A 253 -11.65 0.23 1.68
N GLY A 254 -11.02 -0.67 2.40
CA GLY A 254 -11.73 -1.71 3.11
C GLY A 254 -12.00 -1.31 4.55
N SER A 255 -13.14 -1.78 5.04
CA SER A 255 -13.63 -1.40 6.36
CA SER A 255 -13.63 -1.39 6.35
C SER A 255 -13.47 -2.50 7.38
N ALA A 256 -13.58 -2.11 8.64
CA ALA A 256 -13.44 -3.05 9.75
C ALA A 256 -14.53 -4.11 9.74
N GLU A 257 -15.69 -3.80 9.17
CA GLU A 257 -16.78 -4.76 9.14
C GLU A 257 -16.72 -5.65 7.91
N GLY A 258 -15.68 -5.50 7.09
CA GLY A 258 -15.48 -6.40 5.97
C GLY A 258 -16.06 -5.94 4.65
N SER A 259 -16.43 -4.66 4.52
CA SER A 259 -16.96 -4.16 3.27
C SER A 259 -15.93 -3.30 2.55
N LEU A 260 -15.93 -3.40 1.23
CA LEU A 260 -15.07 -2.63 0.37
C LEU A 260 -15.85 -1.41 -0.11
N TYR A 261 -15.39 -0.24 0.28
CA TYR A 261 -15.97 1.03 -0.14
C TYR A 261 -15.23 1.58 -1.34
N ILE A 262 -15.98 2.04 -2.32
CA ILE A 262 -15.42 2.74 -3.47
C ILE A 262 -16.16 4.06 -3.59
N TRP A 263 -15.40 5.15 -3.66
CA TRP A 263 -15.94 6.48 -3.84
C TRP A 263 -15.50 7.08 -5.17
N SER A 264 -16.33 7.97 -5.69
CA SER A 264 -15.99 8.80 -6.83
C SER A 264 -15.19 10.03 -6.40
N VAL A 265 -14.05 10.25 -7.05
CA VAL A 265 -13.19 11.37 -6.72
C VAL A 265 -13.83 12.68 -7.19
N LEU A 266 -14.56 12.65 -8.29
CA LEU A 266 -15.22 13.86 -8.75
C LEU A 266 -16.40 14.22 -7.86
N THR A 267 -17.40 13.33 -7.78
CA THR A 267 -18.59 13.67 -7.02
C THR A 267 -18.38 13.61 -5.51
N GLY A 268 -17.36 12.89 -5.03
CA GLY A 268 -17.18 12.61 -3.62
C GLY A 268 -18.09 11.52 -3.07
N LYS A 269 -19.05 11.06 -3.85
CA LYS A 269 -20.08 10.15 -3.36
C LYS A 269 -19.57 8.72 -3.32
N VAL A 270 -20.17 7.91 -2.43
CA VAL A 270 -19.98 6.47 -2.48
C VAL A 270 -20.57 5.93 -3.75
N GLU A 271 -19.76 5.17 -4.50
CA GLU A 271 -20.18 4.49 -5.71
C GLU A 271 -20.65 3.07 -5.43
N LYS A 272 -19.92 2.37 -4.57
CA LYS A 272 -20.23 0.98 -4.27
C LYS A 272 -19.82 0.70 -2.84
N VAL A 273 -20.61 -0.15 -2.18
CA VAL A 273 -20.22 -0.81 -0.95
C VAL A 273 -20.33 -2.30 -1.23
N LEU A 274 -19.18 -2.97 -1.34
CA LEU A 274 -19.11 -4.37 -1.74
C LEU A 274 -19.00 -5.19 -0.46
N SER A 275 -20.06 -5.90 -0.14
CA SER A 275 -20.20 -6.52 1.16
C SER A 275 -20.39 -8.02 1.00
N LYS A 276 -20.43 -8.68 2.14
CA LYS A 276 -20.85 -10.07 2.25
C LYS A 276 -19.84 -11.05 1.69
N GLN A 277 -18.57 -10.65 1.54
CA GLN A 277 -17.52 -11.61 1.18
C GLN A 277 -16.40 -11.69 2.19
N HIS A 278 -16.33 -10.77 3.16
CA HIS A 278 -15.32 -10.81 4.20
C HIS A 278 -16.01 -10.92 5.54
N SER A 279 -15.53 -11.85 6.37
CA SER A 279 -16.01 -12.04 7.73
C SER A 279 -15.09 -11.38 8.75
N SER A 280 -14.09 -10.65 8.29
CA SER A 280 -13.19 -9.92 9.17
C SER A 280 -12.74 -8.64 8.48
N SER A 281 -12.00 -7.85 9.23
CA SER A 281 -11.58 -6.54 8.79
C SER A 281 -10.66 -6.61 7.57
N ILE A 282 -10.91 -5.75 6.58
CA ILE A 282 -10.05 -5.64 5.42
C ILE A 282 -8.85 -4.79 5.77
N ASN A 283 -7.66 -5.34 5.58
CA ASN A 283 -6.44 -4.61 5.86
C ASN A 283 -5.91 -3.85 4.66
N ALA A 284 -6.14 -4.34 3.45
CA ALA A 284 -5.57 -3.66 2.30
C ALA A 284 -6.38 -3.96 1.06
N VAL A 285 -6.22 -3.07 0.08
CA VAL A 285 -6.88 -3.20 -1.20
C VAL A 285 -5.91 -2.80 -2.30
N ALA A 286 -6.18 -3.28 -3.49
CA ALA A 286 -5.39 -2.91 -4.65
C ALA A 286 -6.28 -2.95 -5.87
N TRP A 287 -5.91 -2.16 -6.87
CA TRP A 287 -6.71 -1.95 -8.05
C TRP A 287 -5.79 -2.22 -9.22
N SER A 288 -6.13 -3.18 -10.03
CA SER A 288 -5.17 -3.58 -11.04
C SER A 288 -4.98 -2.46 -12.06
N PRO A 289 -3.76 -2.29 -12.56
CA PRO A 289 -3.53 -1.17 -13.51
C PRO A 289 -4.40 -1.22 -14.75
N SER A 290 -4.85 -2.41 -15.19
CA SER A 290 -5.76 -2.55 -16.31
C SER A 290 -7.22 -2.24 -15.98
N GLY A 291 -7.57 -2.11 -14.70
CA GLY A 291 -8.97 -1.99 -14.31
C GLY A 291 -9.72 -3.29 -14.29
N SER A 292 -9.04 -4.41 -14.48
CA SER A 292 -9.74 -5.68 -14.55
C SER A 292 -10.29 -6.12 -13.20
N HIS A 293 -9.60 -5.79 -12.11
CA HIS A 293 -9.97 -6.33 -10.81
C HIS A 293 -9.65 -5.31 -9.75
N VAL A 294 -10.40 -5.41 -8.66
CA VAL A 294 -10.08 -4.78 -7.40
C VAL A 294 -9.97 -5.92 -6.40
N VAL A 295 -8.94 -5.89 -5.54
CA VAL A 295 -8.74 -6.99 -4.61
C VAL A 295 -8.78 -6.42 -3.19
N SER A 296 -9.34 -7.19 -2.27
CA SER A 296 -9.34 -6.82 -0.87
C SER A 296 -8.84 -8.04 -0.09
N VAL A 297 -8.02 -7.79 0.92
CA VAL A 297 -7.45 -8.87 1.71
C VAL A 297 -7.70 -8.58 3.18
N ASP A 298 -7.95 -9.62 3.97
CA ASP A 298 -8.49 -9.40 5.32
C ASP A 298 -7.67 -10.10 6.40
N LYS A 299 -8.06 -9.87 7.65
CA LYS A 299 -7.37 -10.42 8.81
C LYS A 299 -7.61 -11.91 8.98
N GLY A 300 -8.56 -12.48 8.25
CA GLY A 300 -8.91 -13.89 8.33
C GLY A 300 -8.57 -14.65 7.07
N CYS A 301 -7.36 -14.48 6.54
CA CYS A 301 -6.75 -15.32 5.50
CA CYS A 301 -6.73 -15.31 5.52
C CYS A 301 -7.19 -14.98 4.10
N LYS A 302 -8.26 -14.22 3.91
CA LYS A 302 -8.97 -14.23 2.64
C LYS A 302 -8.57 -13.07 1.71
N ALA A 303 -8.51 -13.40 0.42
CA ALA A 303 -8.45 -12.42 -0.65
C ALA A 303 -9.71 -12.54 -1.49
N VAL A 304 -10.27 -11.41 -1.89
CA VAL A 304 -11.45 -11.36 -2.77
C VAL A 304 -11.09 -10.55 -3.99
N LEU A 305 -11.31 -11.11 -5.17
CA LEU A 305 -11.18 -10.38 -6.42
C LEU A 305 -12.57 -9.91 -6.87
N TRP A 306 -12.74 -8.62 -6.94
CA TRP A 306 -13.97 -7.99 -7.38
C TRP A 306 -13.80 -7.50 -8.81
N ALA A 307 -14.84 -7.66 -9.62
CA ALA A 307 -14.75 -7.25 -11.00
C ALA A 307 -16.16 -7.05 -11.55
N GLN A 308 -16.21 -6.69 -12.80
CA GLN A 308 -17.45 -6.70 -13.56
C GLN A 308 -17.62 -8.07 -14.19
N PRO A 309 -18.68 -8.82 -13.91
CA PRO A 309 -18.80 -10.11 -14.59
C PRO A 309 -19.00 -9.94 -16.08
#